data_4LG8
#
_entry.id   4LG8
#
_cell.length_a   83.055
_cell.length_b   83.055
_cell.length_c   75.533
_cell.angle_alpha   90.000
_cell.angle_beta   90.000
_cell.angle_gamma   120.000
#
_symmetry.space_group_name_H-M   'P 31 2 1'
#
loop_
_entity.id
_entity.type
_entity.pdbx_description
1 polymer 'Pre-mRNA-processing factor 19'
2 non-polymer 'SODIUM ION'
3 non-polymer 'UNKNOWN ATOM OR ION'
4 water water
#
_entity_poly.entity_id   1
_entity_poly.type   'polypeptide(L)'
_entity_poly.pdbx_seq_one_letter_code
;MHHHHHHSSGRENLYFQGTPEIIQKLQDKATVLTTERKERGKTVPEELVKPEELSKYRQVASHVGLHSASIPGILALDLC
PSDTNKILTGGADKNVVVFDKSSEQILATLKGHTKKVTSVVFHPSQDLVFSASPDATIRIWSVPNASCVQVVRAHESAVT
GLSLHATGDYLLSSSDDQYWAFSDIQTGRVLTKVTDETSGCSLTCAQFHPDGLIFGTGTMDSQIKIWDLKERTNVANFPG
HSGPITSIAFSENGYYLATAADDSSVKLWDLRKLKNFKTLQLDNNFEVKSLIFDQSGTYLALGGTDVQIYICKQWTEILH
FTEHSGLTTGVAFGHHAKFIASTGMDRSLKFYSL
;
_entity_poly.pdbx_strand_id   A
#
# COMPACT_ATOMS: atom_id res chain seq x y z
N PRO A 45 -17.65 -16.48 1.06
CA PRO A 45 -18.35 -15.46 0.26
C PRO A 45 -18.63 -15.97 -1.17
N GLU A 46 -19.90 -16.25 -1.49
CA GLU A 46 -20.25 -16.87 -2.78
C GLU A 46 -19.71 -16.10 -3.99
N GLU A 47 -19.60 -14.78 -3.86
CA GLU A 47 -19.19 -13.90 -4.94
C GLU A 47 -17.67 -13.92 -5.22
N LEU A 48 -16.89 -14.36 -4.26
CA LEU A 48 -15.43 -14.32 -4.43
C LEU A 48 -14.95 -15.19 -5.61
N VAL A 49 -14.05 -14.65 -6.44
CA VAL A 49 -13.56 -15.41 -7.53
C VAL A 49 -12.55 -16.45 -7.00
N LYS A 50 -12.83 -17.71 -7.29
CA LYS A 50 -12.04 -18.85 -6.80
CA LYS A 50 -12.03 -18.83 -6.79
C LYS A 50 -10.76 -19.05 -7.66
N PRO A 51 -9.77 -19.84 -7.14
CA PRO A 51 -8.48 -19.95 -7.88
C PRO A 51 -8.56 -20.42 -9.33
N GLU A 52 -9.37 -21.44 -9.65
CA GLU A 52 -9.48 -21.90 -11.04
C GLU A 52 -9.79 -20.73 -12.00
N GLU A 53 -10.77 -19.90 -11.63
CA GLU A 53 -11.18 -18.79 -12.49
C GLU A 53 -10.12 -17.69 -12.46
N LEU A 54 -9.60 -17.40 -11.28
CA LEU A 54 -8.57 -16.36 -11.17
C LEU A 54 -7.34 -16.64 -12.06
N SER A 55 -6.99 -17.91 -12.19
CA SER A 55 -5.79 -18.34 -12.91
C SER A 55 -5.85 -17.99 -14.43
N LYS A 56 -7.04 -17.67 -14.92
CA LYS A 56 -7.26 -17.39 -16.31
C LYS A 56 -7.24 -15.92 -16.63
N TYR A 57 -6.98 -15.08 -15.64
CA TYR A 57 -6.93 -13.63 -15.87
C TYR A 57 -5.78 -13.24 -16.83
N ARG A 58 -6.03 -12.15 -17.55
CA ARG A 58 -5.13 -11.61 -18.55
C ARG A 58 -5.27 -10.11 -18.47
N GLN A 59 -4.29 -9.39 -18.99
CA GLN A 59 -4.47 -7.95 -19.16
C GLN A 59 -5.72 -7.60 -20.05
N VAL A 60 -6.63 -6.81 -19.49
CA VAL A 60 -7.85 -6.33 -20.22
C VAL A 60 -7.82 -4.85 -20.51
N ALA A 61 -6.96 -4.10 -19.83
CA ALA A 61 -6.77 -2.69 -20.17
C ALA A 61 -5.41 -2.20 -19.70
N SER A 62 -4.90 -1.18 -20.37
CA SER A 62 -3.67 -0.54 -19.98
C SER A 62 -3.83 0.95 -20.31
N HIS A 63 -3.96 1.76 -19.29
CA HIS A 63 -4.21 3.18 -19.44
C HIS A 63 -2.90 3.95 -19.18
N VAL A 64 -2.43 4.72 -20.14
CA VAL A 64 -1.19 5.51 -19.95
C VAL A 64 -1.37 7.00 -19.73
N GLY A 65 -2.59 7.50 -19.87
CA GLY A 65 -2.79 8.97 -19.81
C GLY A 65 -3.18 9.59 -18.46
N LEU A 66 -3.06 8.84 -17.34
CA LEU A 66 -3.47 9.37 -16.00
C LEU A 66 -2.53 10.49 -15.57
N HIS A 67 -1.24 10.33 -15.88
CA HIS A 67 -0.21 11.20 -15.40
C HIS A 67 0.64 11.68 -16.57
N SER A 68 1.45 12.69 -16.30
CA SER A 68 2.21 13.36 -17.34
C SER A 68 3.12 12.43 -18.17
N ALA A 69 3.11 12.66 -19.48
CA ALA A 69 4.01 11.99 -20.42
C ALA A 69 5.44 12.46 -20.24
N SER A 70 5.63 13.73 -19.90
CA SER A 70 6.99 14.26 -19.78
C SER A 70 7.70 13.93 -18.45
N ILE A 71 6.91 13.53 -17.43
CA ILE A 71 7.47 13.11 -16.14
C ILE A 71 6.85 11.78 -15.89
N PRO A 72 7.39 10.77 -16.53
CA PRO A 72 6.63 9.54 -16.61
C PRO A 72 6.71 8.66 -15.34
N GLY A 73 5.57 8.03 -15.02
CA GLY A 73 5.52 6.98 -14.05
C GLY A 73 4.47 7.15 -12.99
N ILE A 74 3.86 6.03 -12.60
CA ILE A 74 2.93 6.00 -11.50
C ILE A 74 3.65 5.26 -10.39
N LEU A 75 3.66 5.88 -9.20
CA LEU A 75 4.44 5.38 -8.06
C LEU A 75 3.60 4.79 -6.94
N ALA A 76 2.29 4.93 -7.00
CA ALA A 76 1.46 4.47 -5.93
C ALA A 76 0.05 4.25 -6.39
N LEU A 77 -0.63 3.28 -5.77
CA LEU A 77 -1.97 2.85 -6.15
C LEU A 77 -2.82 2.53 -4.94
N ASP A 78 -4.08 2.95 -4.95
CA ASP A 78 -5.13 2.41 -4.03
C ASP A 78 -6.47 2.41 -4.74
N LEU A 79 -7.38 1.55 -4.28
CA LEU A 79 -8.73 1.48 -4.80
C LEU A 79 -9.66 1.90 -3.67
N CYS A 80 -10.77 2.55 -3.99
CA CYS A 80 -11.71 2.96 -2.97
C CYS A 80 -12.41 1.69 -2.39
N PRO A 81 -12.30 1.47 -1.06
CA PRO A 81 -12.88 0.24 -0.52
C PRO A 81 -14.37 0.10 -0.71
N SER A 82 -15.11 1.21 -0.83
CA SER A 82 -16.56 1.18 -1.02
C SER A 82 -16.99 1.15 -2.50
N ASP A 83 -16.03 1.22 -3.40
CA ASP A 83 -16.29 1.12 -4.85
C ASP A 83 -14.95 1.01 -5.49
N THR A 84 -14.56 -0.22 -5.84
CA THR A 84 -13.21 -0.44 -6.33
C THR A 84 -13.02 -0.04 -7.81
N ASN A 85 -14.08 0.45 -8.47
CA ASN A 85 -13.92 1.07 -9.77
C ASN A 85 -13.35 2.48 -9.69
N LYS A 86 -13.27 3.03 -8.48
CA LYS A 86 -12.59 4.31 -8.26
C LYS A 86 -11.15 4.05 -7.87
N ILE A 87 -10.24 4.58 -8.70
CA ILE A 87 -8.86 4.31 -8.58
C ILE A 87 -8.14 5.57 -8.16
N LEU A 88 -7.14 5.43 -7.31
CA LEU A 88 -6.32 6.56 -6.85
C LEU A 88 -4.85 6.26 -7.17
N THR A 89 -4.15 7.22 -7.82
CA THR A 89 -2.76 7.05 -8.17
C THR A 89 -1.90 8.22 -7.78
N GLY A 90 -0.66 7.93 -7.43
CA GLY A 90 0.31 8.97 -7.18
C GLY A 90 1.35 8.97 -8.28
N GLY A 91 1.70 10.12 -8.76
CA GLY A 91 2.60 10.18 -9.89
C GLY A 91 4.00 10.68 -9.62
N ALA A 92 4.94 10.25 -10.45
CA ALA A 92 6.21 10.90 -10.60
C ALA A 92 6.04 12.38 -10.88
N ASP A 93 4.93 12.73 -11.56
CA ASP A 93 4.61 14.10 -11.90
C ASP A 93 4.13 15.00 -10.77
N LYS A 94 4.20 14.50 -9.51
CA LYS A 94 3.86 15.26 -8.25
C LYS A 94 2.34 15.40 -8.07
N ASN A 95 1.56 14.75 -8.92
CA ASN A 95 0.08 14.90 -8.87
C ASN A 95 -0.57 13.65 -8.37
N VAL A 96 -1.72 13.85 -7.73
CA VAL A 96 -2.57 12.72 -7.27
C VAL A 96 -3.80 12.66 -8.20
N VAL A 97 -4.10 11.48 -8.75
CA VAL A 97 -5.18 11.34 -9.71
C VAL A 97 -6.26 10.31 -9.21
N VAL A 98 -7.53 10.70 -9.37
CA VAL A 98 -8.68 9.83 -9.19
C VAL A 98 -9.28 9.52 -10.54
N PHE A 99 -9.46 8.23 -10.83
CA PHE A 99 -9.83 7.74 -12.16
C PHE A 99 -10.95 6.78 -11.99
N ASP A 100 -11.91 6.81 -12.91
CA ASP A 100 -13.05 5.88 -12.88
C ASP A 100 -12.85 4.82 -13.93
N LYS A 101 -12.70 3.59 -13.48
CA LYS A 101 -12.46 2.42 -14.31
C LYS A 101 -13.59 2.17 -15.29
N SER A 102 -14.83 2.45 -14.86
CA SER A 102 -16.04 2.16 -15.66
C SER A 102 -16.18 3.11 -16.82
N SER A 103 -16.02 4.39 -16.51
CA SER A 103 -16.17 5.46 -17.51
C SER A 103 -14.85 5.73 -18.23
N GLU A 104 -13.75 5.27 -17.66
CA GLU A 104 -12.38 5.55 -18.12
C GLU A 104 -12.08 7.05 -18.18
N GLN A 105 -12.60 7.78 -17.18
CA GLN A 105 -12.41 9.24 -17.06
C GLN A 105 -11.60 9.53 -15.83
N ILE A 106 -10.76 10.55 -15.95
CA ILE A 106 -10.11 11.14 -14.83
C ILE A 106 -11.11 12.06 -14.14
N LEU A 107 -11.43 11.76 -12.88
CA LEU A 107 -12.36 12.55 -12.13
C LEU A 107 -11.69 13.77 -11.54
N ALA A 108 -10.41 13.67 -11.19
CA ALA A 108 -9.69 14.80 -10.64
C ALA A 108 -8.19 14.62 -10.82
N THR A 109 -7.53 15.73 -11.10
CA THR A 109 -6.06 15.79 -11.03
C THR A 109 -5.70 16.77 -9.91
N LEU A 110 -5.14 16.24 -8.83
CA LEU A 110 -4.92 16.99 -7.63
C LEU A 110 -3.43 17.44 -7.49
N LYS A 111 -3.20 18.75 -7.60
CA LYS A 111 -1.88 19.34 -7.64
C LYS A 111 -1.61 20.05 -6.36
N GLY A 112 -0.34 19.98 -5.93
CA GLY A 112 0.14 20.70 -4.76
C GLY A 112 1.44 20.12 -4.19
N HIS A 113 1.58 18.80 -4.19
CA HIS A 113 2.87 18.19 -3.80
C HIS A 113 4.01 18.80 -4.59
N THR A 114 5.15 19.03 -3.94
CA THR A 114 6.29 19.65 -4.60
C THR A 114 7.41 18.63 -4.95
N LYS A 115 7.14 17.37 -4.66
CA LYS A 115 7.95 16.24 -5.06
C LYS A 115 7.00 15.14 -5.50
N LYS A 116 7.56 14.11 -6.07
CA LYS A 116 6.80 12.93 -6.51
C LYS A 116 5.91 12.35 -5.38
N VAL A 117 4.82 11.70 -5.78
CA VAL A 117 3.89 11.15 -4.83
C VAL A 117 4.12 9.66 -4.69
N THR A 118 4.47 9.21 -3.48
CA THR A 118 4.90 7.82 -3.30
C THR A 118 3.95 6.99 -2.43
N SER A 119 2.95 7.60 -1.78
CA SER A 119 1.88 6.83 -1.07
C SER A 119 0.52 7.50 -1.34
N VAL A 120 -0.50 6.70 -1.55
CA VAL A 120 -1.88 7.20 -1.65
C VAL A 120 -2.84 6.25 -0.94
N VAL A 121 -3.88 6.82 -0.33
CA VAL A 121 -4.92 6.08 0.39
C VAL A 121 -6.28 6.68 0.02
N PHE A 122 -7.22 5.80 -0.33
CA PHE A 122 -8.57 6.20 -0.76
C PHE A 122 -9.52 5.99 0.42
N HIS A 123 -10.15 7.05 0.90
CA HIS A 123 -11.16 6.90 1.99
C HIS A 123 -12.41 6.19 1.48
N PRO A 124 -13.05 5.33 2.30
CA PRO A 124 -14.34 4.71 1.90
C PRO A 124 -15.50 5.68 1.62
N SER A 125 -15.39 6.94 2.09
CA SER A 125 -16.44 7.95 1.81
C SER A 125 -16.49 8.36 0.35
N GLN A 126 -15.45 8.02 -0.40
CA GLN A 126 -15.29 8.32 -1.84
C GLN A 126 -14.86 9.76 -2.16
N ASP A 127 -15.16 10.70 -1.28
CA ASP A 127 -14.86 12.11 -1.54
C ASP A 127 -13.56 12.60 -0.87
N LEU A 128 -12.98 11.78 0.01
CA LEU A 128 -11.65 12.06 0.63
C LEU A 128 -10.58 11.17 0.08
N VAL A 129 -9.44 11.73 -0.31
CA VAL A 129 -8.27 10.94 -0.63
C VAL A 129 -7.03 11.52 0.06
N PHE A 130 -6.05 10.67 0.28
CA PHE A 130 -4.86 11.04 1.02
C PHE A 130 -3.65 10.66 0.27
N SER A 131 -2.60 11.47 0.39
CA SER A 131 -1.29 11.18 -0.25
C SER A 131 -0.09 11.55 0.62
N ALA A 132 1.10 11.06 0.24
CA ALA A 132 2.35 11.44 0.92
C ALA A 132 3.53 11.30 -0.02
N SER A 133 4.65 11.91 0.34
CA SER A 133 5.68 12.25 -0.60
C SER A 133 7.01 12.50 0.07
N PRO A 134 8.09 12.40 -0.70
CA PRO A 134 9.39 12.88 -0.24
C PRO A 134 9.45 14.38 0.09
N ASP A 135 8.44 15.17 -0.29
CA ASP A 135 8.41 16.58 0.19
C ASP A 135 8.06 16.68 1.72
N ALA A 136 7.87 15.53 2.35
CA ALA A 136 7.68 15.40 3.82
C ALA A 136 6.27 15.74 4.29
N THR A 137 5.34 15.90 3.35
CA THR A 137 3.94 16.25 3.69
C THR A 137 3.03 15.05 3.46
N ILE A 138 1.91 15.07 4.20
CA ILE A 138 0.77 14.25 3.99
C ILE A 138 -0.36 15.19 3.59
N ARG A 139 -1.05 14.89 2.51
CA ARG A 139 -2.09 15.79 2.05
C ARG A 139 -3.42 15.10 2.02
N ILE A 140 -4.44 15.84 2.49
CA ILE A 140 -5.81 15.41 2.53
C ILE A 140 -6.57 16.23 1.51
N TRP A 141 -7.28 15.57 0.62
CA TRP A 141 -7.92 16.21 -0.54
C TRP A 141 -9.41 15.94 -0.57
N SER A 142 -10.14 16.93 -1.02
CA SER A 142 -11.53 16.78 -1.45
C SER A 142 -11.58 16.47 -2.95
N VAL A 143 -12.14 15.33 -3.30
CA VAL A 143 -12.30 14.95 -4.70
C VAL A 143 -13.31 15.87 -5.42
N PRO A 144 -14.50 16.06 -4.83
CA PRO A 144 -15.48 16.89 -5.54
C PRO A 144 -15.06 18.36 -5.69
N ASN A 145 -14.32 18.90 -4.74
CA ASN A 145 -13.80 20.29 -4.86
C ASN A 145 -12.44 20.34 -5.56
N ALA A 146 -11.86 19.17 -5.85
CA ALA A 146 -10.52 19.04 -6.46
C ALA A 146 -9.53 19.92 -5.74
N SER A 147 -9.52 19.81 -4.40
CA SER A 147 -8.78 20.73 -3.58
C SER A 147 -8.03 20.00 -2.48
N CYS A 148 -6.96 20.62 -1.98
CA CYS A 148 -6.27 20.12 -0.78
C CYS A 148 -6.82 20.85 0.45
N VAL A 149 -7.37 20.08 1.39
CA VAL A 149 -7.98 20.65 2.57
C VAL A 149 -7.04 20.69 3.74
N GLN A 150 -6.09 19.77 3.80
CA GLN A 150 -5.10 19.82 4.84
C GLN A 150 -3.75 19.37 4.31
N VAL A 151 -2.71 20.01 4.82
CA VAL A 151 -1.34 19.58 4.59
C VAL A 151 -0.76 19.31 5.95
N VAL A 152 -0.56 18.02 6.26
CA VAL A 152 -0.08 17.65 7.57
C VAL A 152 1.43 17.51 7.50
N ARG A 153 2.11 18.26 8.35
CA ARG A 153 3.56 18.29 8.41
C ARG A 153 4.03 17.67 9.70
N ALA A 154 3.92 16.34 9.76
CA ALA A 154 4.27 15.57 10.94
C ALA A 154 5.77 15.23 11.01
N HIS A 155 6.45 15.34 9.88
CA HIS A 155 7.74 14.78 9.71
C HIS A 155 8.75 15.77 9.14
N GLU A 156 10.01 15.47 9.34
CA GLU A 156 11.07 16.33 8.88
C GLU A 156 11.74 15.83 7.62
N SER A 157 11.38 14.64 7.16
CA SER A 157 11.94 14.08 5.94
C SER A 157 10.87 13.24 5.27
N ALA A 158 11.22 12.60 4.16
CA ALA A 158 10.28 11.83 3.38
C ALA A 158 9.32 10.95 4.19
N VAL A 159 8.04 11.01 3.83
CA VAL A 159 7.06 10.15 4.42
C VAL A 159 7.04 8.85 3.62
N THR A 160 7.28 7.73 4.30
CA THR A 160 7.50 6.43 3.65
C THR A 160 6.32 5.48 3.65
N GLY A 161 5.27 5.83 4.39
CA GLY A 161 4.12 4.95 4.52
C GLY A 161 2.95 5.71 5.07
N LEU A 162 1.76 5.25 4.70
CA LEU A 162 0.52 5.94 5.07
C LEU A 162 -0.59 4.92 5.20
N SER A 163 -1.29 4.93 6.31
CA SER A 163 -2.36 3.97 6.55
C SER A 163 -3.53 4.59 7.26
N LEU A 164 -4.75 4.34 6.74
CA LEU A 164 -5.99 4.83 7.33
C LEU A 164 -6.45 3.94 8.46
N HIS A 165 -6.75 4.55 9.60
CA HIS A 165 -7.28 3.81 10.75
C HIS A 165 -8.67 3.23 10.48
N ALA A 166 -8.99 2.12 11.15
CA ALA A 166 -10.31 1.44 11.06
C ALA A 166 -11.54 2.37 11.21
N THR A 167 -11.44 3.36 12.08
CA THR A 167 -12.51 4.31 12.29
C THR A 167 -12.73 5.21 11.08
N GLY A 168 -11.74 5.33 10.21
CA GLY A 168 -11.78 6.24 9.08
C GLY A 168 -11.41 7.68 9.44
N ASP A 169 -10.99 7.92 10.69
CA ASP A 169 -10.84 9.30 11.17
C ASP A 169 -9.36 9.76 11.33
N TYR A 170 -8.41 8.84 11.21
CA TYR A 170 -6.99 9.07 11.56
C TYR A 170 -6.08 8.39 10.55
N LEU A 171 -4.92 9.00 10.34
CA LEU A 171 -3.89 8.47 9.48
C LEU A 171 -2.61 8.16 10.24
N LEU A 172 -2.06 6.97 10.00
CA LEU A 172 -0.75 6.62 10.47
C LEU A 172 0.26 6.89 9.37
N SER A 173 1.40 7.50 9.75
CA SER A 173 2.48 7.71 8.81
C SER A 173 3.79 7.25 9.39
N SER A 174 4.70 6.84 8.51
CA SER A 174 6.09 6.55 8.88
C SER A 174 6.97 7.46 8.05
N SER A 175 8.22 7.61 8.49
CA SER A 175 9.18 8.50 7.81
C SER A 175 10.60 8.08 8.02
N ASP A 176 11.43 8.50 7.07
CA ASP A 176 12.87 8.47 7.22
C ASP A 176 13.42 9.27 8.42
N ASP A 177 12.64 10.20 8.95
CA ASP A 177 13.02 10.93 10.17
C ASP A 177 12.92 10.08 11.47
N GLN A 178 12.55 8.81 11.33
CA GLN A 178 12.59 7.78 12.41
C GLN A 178 11.36 7.77 13.30
N TYR A 179 10.37 8.58 12.95
CA TYR A 179 9.17 8.68 13.72
C TYR A 179 8.00 8.08 12.97
N TRP A 180 7.02 7.62 13.74
CA TRP A 180 5.68 7.44 13.22
C TRP A 180 4.77 8.51 13.85
N ALA A 181 3.65 8.77 13.18
CA ALA A 181 2.73 9.74 13.66
C ALA A 181 1.31 9.30 13.37
N PHE A 182 0.40 9.79 14.18
CA PHE A 182 -1.03 9.50 14.12
C PHE A 182 -1.69 10.87 14.07
N SER A 183 -2.39 11.17 12.98
CA SER A 183 -2.90 12.51 12.69
C SER A 183 -4.43 12.49 12.45
N ASP A 184 -5.10 13.55 12.88
CA ASP A 184 -6.54 13.69 12.73
C ASP A 184 -6.85 14.18 11.33
N ILE A 185 -7.63 13.42 10.60
CA ILE A 185 -7.99 13.78 9.23
C ILE A 185 -8.76 15.13 9.15
N GLN A 186 -9.64 15.40 10.09
CA GLN A 186 -10.56 16.52 9.93
C GLN A 186 -9.86 17.87 10.24
N THR A 187 -8.93 17.90 11.16
CA THR A 187 -8.23 19.13 11.54
C THR A 187 -6.78 19.18 11.04
N GLY A 188 -6.29 18.05 10.51
CA GLY A 188 -4.91 17.92 10.19
C GLY A 188 -3.95 17.93 11.36
N ARG A 189 -4.48 17.81 12.58
CA ARG A 189 -3.64 17.86 13.78
C ARG A 189 -2.86 16.58 13.96
N VAL A 190 -1.57 16.73 14.29
CA VAL A 190 -0.74 15.62 14.69
C VAL A 190 -1.06 15.27 16.14
N LEU A 191 -1.68 14.11 16.36
CA LEU A 191 -2.14 13.76 17.72
C LEU A 191 -1.04 13.15 18.57
N THR A 192 -0.20 12.32 17.95
CA THR A 192 1.00 11.86 18.59
C THR A 192 2.06 11.53 17.58
N LYS A 193 3.30 11.58 18.07
CA LYS A 193 4.44 11.39 17.24
C LYS A 193 5.51 10.72 18.07
N VAL A 194 5.93 9.53 17.68
CA VAL A 194 6.78 8.69 18.51
C VAL A 194 7.92 8.06 17.73
N THR A 195 9.05 7.88 18.41
CA THR A 195 10.18 7.10 17.86
C THR A 195 10.71 6.11 18.89
N ASP A 196 11.46 5.10 18.42
CA ASP A 196 12.16 4.20 19.32
C ASP A 196 13.58 4.76 19.52
N GLU A 197 13.88 5.22 20.73
CA GLU A 197 15.28 5.59 21.06
C GLU A 197 16.23 4.42 20.75
N THR A 198 15.94 3.25 21.32
CA THR A 198 16.77 2.05 21.14
C THR A 198 17.07 1.70 19.67
N SER A 199 16.03 1.55 18.85
CA SER A 199 16.19 1.23 17.41
C SER A 199 16.81 2.39 16.64
N GLY A 200 16.32 3.59 16.94
CA GLY A 200 16.75 4.80 16.26
C GLY A 200 17.15 4.59 14.80
N CYS A 201 16.19 4.28 13.91
CA CYS A 201 16.45 4.38 12.44
C CYS A 201 15.20 4.60 11.59
N SER A 202 15.43 4.85 10.29
CA SER A 202 14.39 5.23 9.35
C SER A 202 13.33 4.19 9.31
N LEU A 203 12.08 4.64 9.32
CA LEU A 203 10.96 3.75 9.14
C LEU A 203 10.61 3.80 7.67
N THR A 204 10.38 2.63 7.08
CA THR A 204 10.27 2.49 5.63
C THR A 204 8.87 2.19 5.15
N CYS A 205 7.95 1.83 6.08
CA CYS A 205 6.56 1.57 5.74
C CYS A 205 5.73 1.50 7.03
N ALA A 206 4.40 1.58 6.91
CA ALA A 206 3.49 1.57 8.04
C ALA A 206 2.11 1.06 7.64
N GLN A 207 1.55 0.19 8.44
CA GLN A 207 0.19 -0.32 8.20
C GLN A 207 -0.48 -0.63 9.52
N PHE A 208 -1.75 -0.29 9.61
CA PHE A 208 -2.57 -0.67 10.72
C PHE A 208 -3.01 -2.11 10.58
N HIS A 209 -3.10 -2.81 11.68
CA HIS A 209 -3.83 -4.05 11.73
C HIS A 209 -5.34 -3.67 11.58
N PRO A 210 -6.16 -4.52 10.93
CA PRO A 210 -7.56 -4.08 10.63
C PRO A 210 -8.46 -3.74 11.83
N ASP A 211 -8.19 -4.29 13.01
CA ASP A 211 -8.96 -3.92 14.22
C ASP A 211 -8.61 -2.57 14.80
N GLY A 212 -7.50 -1.98 14.36
CA GLY A 212 -7.19 -0.60 14.70
C GLY A 212 -6.56 -0.36 16.04
N LEU A 213 -6.17 -1.44 16.74
CA LEU A 213 -5.46 -1.34 18.04
C LEU A 213 -3.91 -1.40 17.91
N ILE A 214 -3.41 -2.15 16.93
CA ILE A 214 -1.97 -2.30 16.75
C ILE A 214 -1.60 -1.96 15.32
N PHE A 215 -0.31 -1.65 15.11
CA PHE A 215 0.20 -1.45 13.77
C PHE A 215 1.63 -1.90 13.67
N GLY A 216 2.11 -1.97 12.43
CA GLY A 216 3.49 -2.33 12.13
C GLY A 216 4.22 -1.20 11.38
N THR A 217 5.50 -1.05 11.65
CA THR A 217 6.39 -0.17 10.88
C THR A 217 7.64 -0.99 10.53
N GLY A 218 7.98 -1.01 9.26
CA GLY A 218 9.22 -1.58 8.82
C GLY A 218 10.35 -0.57 8.99
N THR A 219 11.56 -1.11 9.15
CA THR A 219 12.76 -0.29 9.37
C THR A 219 13.83 -0.53 8.30
N MET A 220 14.70 0.46 8.14
CA MET A 220 15.89 0.33 7.32
C MET A 220 16.85 -0.74 7.78
N ASP A 221 16.88 -1.07 9.08
CA ASP A 221 17.75 -2.14 9.55
C ASP A 221 17.03 -3.50 9.72
N SER A 222 16.01 -3.74 8.88
CA SER A 222 15.40 -5.10 8.67
C SER A 222 14.49 -5.61 9.80
N GLN A 223 13.95 -4.71 10.61
CA GLN A 223 13.02 -5.08 11.67
C GLN A 223 11.59 -4.73 11.28
N ILE A 224 10.65 -5.54 11.74
CA ILE A 224 9.28 -5.18 11.69
C ILE A 224 8.85 -4.88 13.11
N LYS A 225 8.54 -3.63 13.37
CA LYS A 225 8.19 -3.18 14.71
C LYS A 225 6.69 -3.14 14.85
N ILE A 226 6.19 -3.82 15.91
CA ILE A 226 4.76 -3.83 16.20
C ILE A 226 4.50 -2.92 17.37
N TRP A 227 3.48 -2.09 17.22
CA TRP A 227 3.15 -1.06 18.18
C TRP A 227 1.72 -1.18 18.66
N ASP A 228 1.53 -0.82 19.92
CA ASP A 228 0.23 -0.70 20.54
C ASP A 228 -0.12 0.78 20.43
N LEU A 229 -1.23 1.09 19.76
CA LEU A 229 -1.56 2.50 19.49
C LEU A 229 -1.94 3.25 20.75
N LYS A 230 -2.77 2.64 21.59
CA LYS A 230 -3.25 3.27 22.82
C LYS A 230 -2.08 3.60 23.77
N GLU A 231 -1.22 2.62 24.01
CA GLU A 231 -0.07 2.80 24.91
C GLU A 231 1.11 3.49 24.26
N ARG A 232 1.06 3.66 22.93
CA ARG A 232 2.19 4.21 22.14
C ARG A 232 3.52 3.43 22.37
N THR A 233 3.43 2.12 22.55
CA THR A 233 4.59 1.31 22.93
C THR A 233 4.90 0.26 21.86
N ASN A 234 6.16 -0.14 21.85
CA ASN A 234 6.67 -1.09 20.89
C ASN A 234 6.59 -2.42 21.59
N VAL A 235 5.64 -3.25 21.18
CA VAL A 235 5.26 -4.43 21.94
C VAL A 235 5.93 -5.70 21.46
N ALA A 236 6.41 -5.69 20.23
CA ALA A 236 7.13 -6.84 19.66
C ALA A 236 7.97 -6.38 18.46
N ASN A 237 9.01 -7.13 18.14
CA ASN A 237 9.81 -6.87 16.96
C ASN A 237 10.06 -8.18 16.27
N PHE A 238 9.79 -8.23 14.97
CA PHE A 238 10.03 -9.42 14.18
C PHE A 238 11.31 -9.29 13.35
N PRO A 239 12.35 -10.04 13.74
CA PRO A 239 13.60 -10.06 13.02
C PRO A 239 13.64 -11.22 12.06
N GLY A 240 14.65 -11.23 11.19
CA GLY A 240 14.90 -12.40 10.34
C GLY A 240 15.15 -12.01 8.91
N HIS A 241 14.59 -10.87 8.53
CA HIS A 241 14.86 -10.28 7.25
C HIS A 241 16.30 -9.76 7.21
N SER A 242 16.81 -9.62 5.98
CA SER A 242 18.03 -8.86 5.69
C SER A 242 17.72 -7.72 4.78
N GLY A 243 18.41 -6.62 5.00
CA GLY A 243 18.15 -5.40 4.28
C GLY A 243 16.86 -4.68 4.68
N PRO A 244 16.66 -3.47 4.15
CA PRO A 244 15.50 -2.63 4.43
C PRO A 244 14.16 -3.33 4.19
N ILE A 245 13.22 -3.20 5.15
CA ILE A 245 11.86 -3.64 4.92
C ILE A 245 11.31 -2.79 3.81
N THR A 246 10.60 -3.42 2.86
CA THR A 246 10.00 -2.67 1.74
C THR A 246 8.52 -2.49 1.80
N SER A 247 7.81 -3.46 2.41
CA SER A 247 6.35 -3.45 2.43
C SER A 247 5.88 -4.43 3.50
N ILE A 248 4.77 -4.09 4.13
CA ILE A 248 4.08 -4.98 5.05
C ILE A 248 2.60 -4.93 4.74
N ALA A 249 1.90 -6.04 4.99
CA ALA A 249 0.43 -6.10 4.80
C ALA A 249 -0.22 -6.99 5.84
N PHE A 250 -1.25 -6.47 6.54
CA PHE A 250 -2.03 -7.27 7.46
C PHE A 250 -3.24 -7.87 6.73
N SER A 251 -3.51 -9.13 6.99
CA SER A 251 -4.64 -9.79 6.41
C SER A 251 -5.91 -9.39 7.15
N GLU A 252 -7.02 -9.41 6.43
CA GLU A 252 -8.34 -9.24 7.07
C GLU A 252 -8.69 -10.38 8.02
N ASN A 253 -8.03 -11.56 7.91
CA ASN A 253 -8.23 -12.62 8.92
C ASN A 253 -7.78 -12.20 10.32
N GLY A 254 -7.01 -11.10 10.38
CA GLY A 254 -6.62 -10.52 11.65
C GLY A 254 -5.44 -11.22 12.33
N TYR A 255 -4.99 -12.36 11.81
CA TYR A 255 -3.85 -13.04 12.42
C TYR A 255 -2.64 -13.25 11.51
N TYR A 256 -2.75 -12.96 10.22
CA TYR A 256 -1.59 -13.03 9.32
C TYR A 256 -0.98 -11.62 9.06
N LEU A 257 0.35 -11.59 8.96
CA LEU A 257 1.11 -10.42 8.51
C LEU A 257 2.11 -10.92 7.49
N ALA A 258 2.15 -10.27 6.32
CA ALA A 258 3.14 -10.55 5.31
C ALA A 258 4.10 -9.40 5.27
N THR A 259 5.40 -9.72 5.23
CA THR A 259 6.44 -8.69 5.17
C THR A 259 7.43 -8.98 4.03
N ALA A 260 7.98 -7.92 3.47
CA ALA A 260 9.00 -8.04 2.43
C ALA A 260 10.16 -7.09 2.69
N ALA A 261 11.33 -7.45 2.18
CA ALA A 261 12.55 -6.69 2.36
C ALA A 261 13.43 -6.85 1.12
N ASP A 262 14.59 -6.16 1.12
CA ASP A 262 15.61 -6.26 0.07
C ASP A 262 16.25 -7.63 -0.04
N ASP A 263 15.98 -8.51 0.91
CA ASP A 263 16.43 -9.89 0.80
C ASP A 263 15.63 -10.74 -0.21
N SER A 264 14.70 -10.11 -0.91
CA SER A 264 13.93 -10.73 -1.98
C SER A 264 13.00 -11.87 -1.45
N SER A 265 12.59 -11.74 -0.19
CA SER A 265 11.71 -12.71 0.44
C SER A 265 10.42 -12.02 0.91
N VAL A 266 9.38 -12.82 0.97
CA VAL A 266 8.18 -12.46 1.63
C VAL A 266 8.03 -13.41 2.78
N LYS A 267 7.92 -12.85 3.98
CA LYS A 267 7.77 -13.66 5.15
C LYS A 267 6.38 -13.53 5.71
N LEU A 268 5.85 -14.67 6.14
CA LEU A 268 4.54 -14.76 6.70
C LEU A 268 4.60 -15.02 8.22
N TRP A 269 3.86 -14.20 8.95
CA TRP A 269 3.86 -14.21 10.38
C TRP A 269 2.44 -14.52 10.87
N ASP A 270 2.37 -15.41 11.84
CA ASP A 270 1.19 -15.63 12.61
C ASP A 270 1.29 -14.79 13.89
N LEU A 271 0.39 -13.83 14.01
CA LEU A 271 0.43 -12.89 15.13
C LEU A 271 0.00 -13.51 16.46
N ARG A 272 -0.59 -14.69 16.41
CA ARG A 272 -1.01 -15.37 17.64
C ARG A 272 0.19 -16.06 18.29
N LYS A 273 1.10 -16.55 17.44
CA LYS A 273 2.29 -17.23 17.90
C LYS A 273 3.52 -16.34 17.86
N LEU A 274 3.42 -15.22 17.14
CA LEU A 274 4.56 -14.36 16.88
C LEU A 274 5.69 -15.17 16.22
N LYS A 275 5.35 -15.93 15.19
CA LYS A 275 6.34 -16.74 14.50
C LYS A 275 6.23 -16.60 12.98
N ASN A 276 7.39 -16.71 12.34
CA ASN A 276 7.48 -16.68 10.90
C ASN A 276 7.30 -18.11 10.43
N PHE A 277 6.15 -18.43 9.89
CA PHE A 277 5.81 -19.84 9.60
C PHE A 277 6.06 -20.25 8.16
N LYS A 278 6.24 -19.27 7.28
CA LYS A 278 6.47 -19.54 5.90
C LYS A 278 7.26 -18.37 5.32
N THR A 279 8.17 -18.66 4.41
CA THR A 279 8.91 -17.64 3.70
C THR A 279 8.91 -17.98 2.23
N LEU A 280 8.49 -17.03 1.38
CA LEU A 280 8.56 -17.21 -0.06
C LEU A 280 9.85 -16.54 -0.48
N GLN A 281 10.80 -17.31 -0.95
CA GLN A 281 12.12 -16.74 -1.31
C GLN A 281 12.15 -16.59 -2.81
N LEU A 282 12.19 -15.36 -3.28
CA LEU A 282 12.42 -15.09 -4.71
C LEU A 282 13.92 -14.91 -4.96
N ASP A 283 14.32 -14.86 -6.24
CA ASP A 283 15.71 -14.63 -6.60
C ASP A 283 16.21 -13.29 -6.10
N ASN A 284 17.53 -13.20 -5.93
CA ASN A 284 18.13 -12.07 -5.18
C ASN A 284 18.11 -10.79 -5.96
N ASN A 285 17.88 -10.91 -7.26
CA ASN A 285 17.57 -9.71 -8.11
C ASN A 285 16.19 -9.12 -7.95
N PHE A 286 15.26 -9.90 -7.41
CA PHE A 286 13.85 -9.48 -7.37
C PHE A 286 13.62 -8.45 -6.28
N GLU A 287 12.94 -7.37 -6.65
CA GLU A 287 12.52 -6.32 -5.74
C GLU A 287 11.03 -6.46 -5.41
N VAL A 288 10.72 -6.69 -4.15
CA VAL A 288 9.31 -6.72 -3.67
C VAL A 288 9.00 -5.33 -3.10
N LYS A 289 8.17 -4.60 -3.80
CA LYS A 289 7.91 -3.18 -3.46
C LYS A 289 6.55 -2.96 -2.80
N SER A 290 5.62 -3.91 -3.01
CA SER A 290 4.22 -3.73 -2.60
C SER A 290 3.66 -5.13 -2.25
N LEU A 291 2.96 -5.24 -1.13
CA LEU A 291 2.26 -6.47 -0.71
C LEU A 291 0.84 -6.07 -0.35
N ILE A 292 -0.11 -6.91 -0.70
CA ILE A 292 -1.49 -6.75 -0.28
C ILE A 292 -2.28 -8.08 -0.32
N PHE A 293 -3.07 -8.33 0.70
CA PHE A 293 -4.00 -9.46 0.70
C PHE A 293 -5.27 -8.98 0.02
N ASP A 294 -6.02 -9.86 -0.63
CA ASP A 294 -7.36 -9.47 -1.07
C ASP A 294 -8.23 -9.35 0.18
N GLN A 295 -9.44 -8.84 -0.03
CA GLN A 295 -10.34 -8.46 1.06
C GLN A 295 -10.76 -9.67 1.89
N SER A 296 -10.85 -10.85 1.25
CA SER A 296 -11.25 -12.10 1.92
C SER A 296 -10.11 -12.82 2.66
N GLY A 297 -8.88 -12.42 2.38
CA GLY A 297 -7.66 -13.12 2.90
C GLY A 297 -7.30 -14.39 2.13
N THR A 298 -7.92 -14.59 0.98
CA THR A 298 -7.73 -15.83 0.21
C THR A 298 -6.42 -15.81 -0.57
N TYR A 299 -6.04 -14.62 -1.02
CA TYR A 299 -4.93 -14.37 -1.89
C TYR A 299 -3.99 -13.30 -1.33
N LEU A 300 -2.73 -13.47 -1.66
CA LEU A 300 -1.71 -12.42 -1.40
C LEU A 300 -1.05 -12.05 -2.70
N ALA A 301 -1.01 -10.75 -2.96
CA ALA A 301 -0.36 -10.25 -4.18
C ALA A 301 0.92 -9.60 -3.77
N LEU A 302 1.91 -9.73 -4.64
CA LEU A 302 3.11 -8.94 -4.53
C LEU A 302 3.41 -8.25 -5.87
N GLY A 303 4.08 -7.12 -5.79
CA GLY A 303 4.52 -6.38 -6.95
C GLY A 303 5.85 -5.71 -6.71
N GLY A 304 6.57 -5.50 -7.79
CA GLY A 304 7.88 -4.85 -7.82
C GLY A 304 8.51 -5.24 -9.14
N THR A 305 9.46 -6.20 -9.13
CA THR A 305 10.05 -6.69 -10.38
C THR A 305 8.95 -7.20 -11.33
N ASP A 306 7.94 -7.88 -10.79
CA ASP A 306 6.70 -8.13 -11.53
C ASP A 306 5.54 -8.41 -10.57
N VAL A 307 4.39 -8.86 -11.08
CA VAL A 307 3.25 -9.11 -10.26
C VAL A 307 3.03 -10.60 -10.10
N GLN A 308 2.86 -11.03 -8.85
CA GLN A 308 2.54 -12.39 -8.53
C GLN A 308 1.49 -12.48 -7.43
N ILE A 309 0.65 -13.51 -7.56
CA ILE A 309 -0.45 -13.74 -6.66
C ILE A 309 -0.37 -15.18 -6.21
N TYR A 310 -0.48 -15.36 -4.90
CA TYR A 310 -0.40 -16.64 -4.24
C TYR A 310 -1.72 -16.93 -3.54
N ILE A 311 -2.05 -18.21 -3.49
CA ILE A 311 -3.15 -18.68 -2.67
C ILE A 311 -2.62 -18.86 -1.27
N CYS A 312 -3.25 -18.23 -0.30
CA CYS A 312 -2.76 -18.28 1.09
C CYS A 312 -2.89 -19.64 1.72
N LYS A 313 -3.89 -20.41 1.31
CA LYS A 313 -4.16 -21.70 1.96
C LYS A 313 -3.00 -22.70 1.73
N GLN A 314 -2.60 -22.87 0.47
CA GLN A 314 -1.49 -23.76 0.11
C GLN A 314 -0.16 -23.03 -0.22
N TRP A 315 -0.13 -21.70 -0.16
CA TRP A 315 1.03 -20.89 -0.65
C TRP A 315 1.54 -21.29 -2.03
N THR A 316 0.59 -21.46 -2.94
CA THR A 316 0.78 -21.86 -4.35
C THR A 316 0.69 -20.56 -5.21
N GLU A 317 1.52 -20.42 -6.24
CA GLU A 317 1.44 -19.29 -7.15
C GLU A 317 0.29 -19.53 -8.10
N ILE A 318 -0.62 -18.57 -8.19
CA ILE A 318 -1.83 -18.73 -9.00
C ILE A 318 -1.90 -17.79 -10.17
N LEU A 319 -1.26 -16.63 -10.09
CA LEU A 319 -1.15 -15.75 -11.22
C LEU A 319 0.22 -15.13 -11.23
N HIS A 320 0.69 -14.84 -12.43
CA HIS A 320 2.01 -14.15 -12.61
C HIS A 320 1.87 -13.29 -13.85
N PHE A 321 2.00 -11.98 -13.68
CA PHE A 321 2.00 -11.06 -14.80
C PHE A 321 3.34 -10.38 -14.96
N THR A 322 3.77 -10.23 -16.20
CA THR A 322 5.00 -9.48 -16.51
C THR A 322 4.76 -8.44 -17.61
N GLU A 323 3.60 -7.82 -17.58
CA GLU A 323 3.23 -6.84 -18.62
C GLU A 323 3.97 -5.50 -18.50
N HIS A 324 4.16 -5.02 -17.30
CA HIS A 324 4.89 -3.78 -17.12
C HIS A 324 6.32 -3.90 -17.63
N SER A 325 6.80 -2.79 -18.14
CA SER A 325 8.18 -2.63 -18.49
C SER A 325 8.85 -1.83 -17.37
N GLY A 326 9.86 -2.42 -16.73
CA GLY A 326 10.44 -1.81 -15.52
C GLY A 326 9.51 -2.03 -14.32
N LEU A 327 9.80 -1.33 -13.24
CA LEU A 327 9.19 -1.65 -11.92
C LEU A 327 7.67 -1.46 -11.86
N THR A 328 6.99 -2.45 -11.27
CA THR A 328 5.65 -2.34 -10.84
C THR A 328 5.60 -1.73 -9.44
N THR A 329 4.82 -0.68 -9.29
CA THR A 329 4.85 0.12 -8.06
C THR A 329 3.63 -0.10 -7.19
N GLY A 330 2.62 -0.78 -7.69
CA GLY A 330 1.44 -0.96 -6.90
C GLY A 330 0.65 -2.10 -7.44
N VAL A 331 -0.08 -2.80 -6.55
CA VAL A 331 -0.98 -3.85 -6.96
CA VAL A 331 -0.96 -3.90 -6.91
C VAL A 331 -2.16 -3.84 -6.00
N ALA A 332 -3.33 -4.22 -6.51
CA ALA A 332 -4.57 -4.20 -5.73
C ALA A 332 -5.57 -5.20 -6.28
N PHE A 333 -6.48 -5.64 -5.42
CA PHE A 333 -7.63 -6.42 -5.82
C PHE A 333 -8.92 -5.59 -5.89
N GLY A 334 -9.61 -5.64 -7.03
CA GLY A 334 -11.00 -5.24 -7.10
C GLY A 334 -11.87 -6.09 -6.17
N HIS A 335 -13.08 -5.60 -5.90
CA HIS A 335 -14.02 -6.29 -5.00
CA HIS A 335 -14.06 -6.29 -5.01
C HIS A 335 -14.22 -7.72 -5.46
N HIS A 336 -14.21 -8.67 -4.51
CA HIS A 336 -14.38 -10.09 -4.75
C HIS A 336 -13.31 -10.68 -5.68
N ALA A 337 -12.19 -9.98 -5.77
CA ALA A 337 -11.08 -10.35 -6.65
C ALA A 337 -11.57 -10.48 -8.10
N LYS A 338 -12.57 -9.68 -8.48
CA LYS A 338 -13.14 -9.74 -9.85
C LYS A 338 -12.22 -9.15 -10.91
N PHE A 339 -11.26 -8.35 -10.46
CA PHE A 339 -10.11 -7.90 -11.27
C PHE A 339 -8.88 -7.63 -10.36
N ILE A 340 -7.69 -7.55 -10.97
CA ILE A 340 -6.44 -7.07 -10.32
C ILE A 340 -6.07 -5.79 -11.03
N ALA A 341 -5.42 -4.91 -10.32
CA ALA A 341 -4.90 -3.66 -10.86
C ALA A 341 -3.43 -3.53 -10.50
N SER A 342 -2.66 -2.92 -11.40
CA SER A 342 -1.28 -2.59 -11.13
C SER A 342 -0.88 -1.29 -11.80
N THR A 343 0.17 -0.68 -11.24
CA THR A 343 0.72 0.57 -11.70
C THR A 343 2.23 0.38 -11.93
N GLY A 344 2.77 1.11 -12.88
CA GLY A 344 4.16 0.98 -13.25
C GLY A 344 4.90 2.29 -13.47
N MET A 345 6.24 2.20 -13.36
CA MET A 345 7.14 3.26 -13.80
C MET A 345 6.99 3.51 -15.27
N ASP A 346 6.48 2.51 -16.00
CA ASP A 346 6.23 2.68 -17.45
C ASP A 346 5.03 3.59 -17.79
N ARG A 347 4.41 4.22 -16.79
CA ARG A 347 3.28 5.15 -16.97
C ARG A 347 1.91 4.53 -16.86
N SER A 348 1.84 3.20 -16.92
CA SER A 348 0.53 2.55 -17.07
C SER A 348 -0.15 2.15 -15.76
N LEU A 349 -1.49 2.19 -15.82
CA LEU A 349 -2.39 1.53 -14.89
C LEU A 349 -3.04 0.38 -15.68
N LYS A 350 -2.81 -0.85 -15.20
CA LYS A 350 -3.26 -2.04 -15.86
C LYS A 350 -4.35 -2.74 -15.03
N PHE A 351 -5.32 -3.29 -15.72
CA PHE A 351 -6.35 -4.12 -15.14
C PHE A 351 -6.29 -5.50 -15.75
N TYR A 352 -6.47 -6.52 -14.90
CA TYR A 352 -6.42 -7.91 -15.30
C TYR A 352 -7.66 -8.57 -14.83
N SER A 353 -8.28 -9.33 -15.73
CA SER A 353 -9.56 -9.96 -15.48
C SER A 353 -9.82 -11.04 -16.51
N LEU A 354 -11.01 -11.63 -16.51
CA LEU A 354 -11.36 -12.65 -17.51
C LEU A 354 -11.45 -12.05 -18.90
#